data_3VA1
#
_entry.id   3VA1
#
_cell.length_a   37.076
_cell.length_b   48.590
_cell.length_c   134.182
_cell.angle_alpha   90.00
_cell.angle_beta   90.00
_cell.angle_gamma   90.00
#
_symmetry.space_group_name_H-M   'P 21 21 21'
#
loop_
_entity.id
_entity.type
_entity.pdbx_description
1 polymer 'Mediator of DNA damage checkpoint protein 1'
2 non-polymer 'SULFATE ION'
3 water water
#
_entity_poly.entity_id   1
_entity_poly.type   'polypeptide(L)'
_entity_poly.pdbx_seq_one_letter_code
;MGSSHHHHHHSSGLVPRGSHMEPIGQLRLFSGTHGPERDFPLYLGKNVVGRSPDCSVALPFPSISKQHAVIEISAWNKAP
ILQDCGSLNGTQIVKPPRVLPPGVSHRLRDQELILFADFPCQYHRLDVPPPL
;
_entity_poly.pdbx_strand_id   A,B
#
# COMPACT_ATOMS: atom_id res chain seq x y z
N GLU A 22 0.91 10.55 -25.45
CA GLU A 22 0.59 11.31 -24.14
C GLU A 22 0.03 10.45 -23.01
N PRO A 23 0.61 10.55 -21.78
CA PRO A 23 0.16 9.70 -20.66
C PRO A 23 -1.29 9.96 -20.28
N ILE A 24 -2.05 8.89 -20.05
CA ILE A 24 -3.43 9.07 -19.64
C ILE A 24 -3.68 8.48 -18.23
N GLY A 25 -2.63 7.93 -17.68
CA GLY A 25 -2.62 7.50 -16.27
C GLY A 25 -1.18 7.33 -15.78
N GLN A 26 -1.05 6.89 -14.54
CA GLN A 26 0.22 6.81 -13.94
C GLN A 26 0.15 5.75 -12.92
N LEU A 27 1.24 5.01 -12.84
CA LEU A 27 1.38 4.10 -11.72
C LEU A 27 2.53 4.64 -10.91
N ARG A 28 2.27 4.99 -9.66
CA ARG A 28 3.32 5.46 -8.82
C ARG A 28 3.86 4.29 -8.01
N LEU A 29 5.18 4.07 -8.13
CA LEU A 29 5.92 3.02 -7.39
C LEU A 29 6.49 3.73 -6.20
N PHE A 30 5.94 3.46 -5.03
CA PHE A 30 6.36 4.22 -3.88
C PHE A 30 7.80 3.94 -3.51
N SER A 31 8.39 4.92 -2.84
CA SER A 31 9.80 4.81 -2.41
C SER A 31 9.85 3.69 -1.39
N GLY A 32 11.06 3.26 -1.10
CA GLY A 32 11.21 2.23 -0.08
C GLY A 32 12.65 1.85 -0.05
N THR A 33 12.92 0.66 0.44
CA THR A 33 14.30 0.27 0.57
C THR A 33 14.97 0.20 -0.79
N HIS A 34 14.24 -0.07 -1.87
CA HIS A 34 14.84 -0.10 -3.23
C HIS A 34 15.31 1.25 -3.76
N GLY A 35 14.90 2.34 -3.10
CA GLY A 35 15.13 3.69 -3.59
C GLY A 35 13.92 4.64 -3.68
N PRO A 36 14.13 5.80 -4.31
CA PRO A 36 13.09 6.82 -4.41
C PRO A 36 11.84 6.40 -5.21
N GLU A 37 10.76 7.15 -5.00
CA GLU A 37 9.48 6.97 -5.73
C GLU A 37 9.76 7.16 -7.21
N ARG A 38 9.03 6.41 -8.03
CA ARG A 38 9.09 6.56 -9.49
C ARG A 38 7.69 6.54 -9.99
N ASP A 39 7.37 7.44 -10.93
CA ASP A 39 6.05 7.36 -11.60
C ASP A 39 6.22 6.83 -13.01
N PHE A 40 5.32 5.90 -13.41
CA PHE A 40 5.38 5.30 -14.74
C PHE A 40 4.15 5.77 -15.49
N PRO A 41 4.32 6.40 -16.65
CA PRO A 41 3.16 6.84 -17.44
C PRO A 41 2.42 5.62 -18.00
N LEU A 42 1.07 5.69 -18.13
CA LEU A 42 0.28 4.64 -18.75
C LEU A 42 -0.37 5.28 -19.96
N TYR A 43 -0.56 4.49 -21.02
CA TYR A 43 -1.09 4.98 -22.31
C TYR A 43 -2.22 4.08 -22.74
N LEU A 44 -2.95 4.58 -23.72
CA LEU A 44 -3.99 3.80 -24.34
C LEU A 44 -3.37 2.48 -24.80
N GLY A 45 -4.11 1.38 -24.60
CA GLY A 45 -3.69 0.06 -25.06
C GLY A 45 -3.10 -0.73 -23.89
N LYS A 46 -2.22 -1.69 -24.23
CA LYS A 46 -1.65 -2.59 -23.24
C LYS A 46 -0.37 -1.97 -22.68
N ASN A 47 -0.30 -1.91 -21.35
CA ASN A 47 0.85 -1.44 -20.61
C ASN A 47 1.29 -2.60 -19.75
N VAL A 48 2.43 -3.21 -20.14
CA VAL A 48 2.83 -4.43 -19.48
C VAL A 48 3.73 -4.01 -18.32
N VAL A 49 3.52 -4.66 -17.18
CA VAL A 49 4.35 -4.49 -15.97
C VAL A 49 5.32 -5.65 -15.92
N GLY A 50 6.64 -5.39 -15.89
CA GLY A 50 7.52 -6.50 -15.83
C GLY A 50 8.98 -6.10 -15.65
N ARG A 51 9.78 -7.11 -15.42
CA ARG A 51 11.19 -6.91 -15.18
C ARG A 51 11.91 -6.96 -16.58
N SER A 52 11.60 -5.97 -17.45
CA SER A 52 12.23 -5.87 -18.75
C SER A 52 12.15 -4.43 -19.21
N PRO A 53 13.15 -3.96 -19.97
CA PRO A 53 13.07 -2.55 -20.41
C PRO A 53 12.07 -2.38 -21.55
N ASP A 54 11.56 -3.49 -22.08
CA ASP A 54 10.54 -3.44 -23.12
C ASP A 54 9.11 -3.10 -22.56
N CYS A 55 8.93 -3.07 -21.25
CA CYS A 55 7.64 -2.95 -20.59
C CYS A 55 7.38 -1.49 -20.38
N SER A 56 6.14 -1.07 -20.55
CA SER A 56 5.68 0.26 -20.17
C SER A 56 5.93 0.60 -18.75
N VAL A 57 5.83 -0.42 -17.88
CA VAL A 57 6.17 -0.24 -16.47
C VAL A 57 7.31 -1.21 -16.25
N ALA A 58 8.56 -0.75 -16.41
CA ALA A 58 9.74 -1.56 -16.30
C ALA A 58 10.28 -1.49 -14.89
N LEU A 59 10.21 -2.62 -14.17
CA LEU A 59 10.55 -2.63 -12.77
C LEU A 59 11.79 -3.51 -12.60
N PRO A 60 12.98 -2.91 -12.35
CA PRO A 60 14.21 -3.66 -12.34
C PRO A 60 14.45 -4.34 -10.99
N PHE A 61 13.48 -5.17 -10.53
CA PHE A 61 13.58 -5.89 -9.24
C PHE A 61 13.48 -7.37 -9.50
N PRO A 62 14.38 -8.18 -8.91
CA PRO A 62 14.41 -9.66 -9.20
C PRO A 62 13.09 -10.32 -8.79
N SER A 63 12.43 -9.76 -7.77
CA SER A 63 11.14 -10.34 -7.38
C SER A 63 9.97 -10.08 -8.33
N ILE A 64 10.15 -9.22 -9.35
CA ILE A 64 9.09 -8.99 -10.34
C ILE A 64 9.37 -9.92 -11.51
N SER A 65 8.33 -10.53 -12.04
CA SER A 65 8.52 -11.44 -13.21
C SER A 65 8.71 -10.68 -14.52
N LYS A 66 9.37 -11.32 -15.47
CA LYS A 66 9.69 -10.68 -16.77
C LYS A 66 8.44 -10.12 -17.45
N GLN A 67 7.33 -10.90 -17.41
CA GLN A 67 5.98 -10.40 -17.78
C GLN A 67 5.14 -10.64 -16.54
N HIS A 68 4.93 -9.58 -15.75
CA HIS A 68 4.37 -9.75 -14.42
C HIS A 68 2.87 -9.53 -14.49
N ALA A 69 2.47 -8.43 -15.15
CA ALA A 69 1.04 -8.03 -15.11
C ALA A 69 0.76 -7.17 -16.34
N VAL A 70 -0.48 -6.95 -16.71
CA VAL A 70 -0.77 -6.02 -17.81
C VAL A 70 -1.87 -5.07 -17.32
N ILE A 71 -1.76 -3.80 -17.68
CA ILE A 71 -2.85 -2.85 -17.41
C ILE A 71 -3.31 -2.41 -18.78
N GLU A 72 -4.54 -2.76 -19.12
CA GLU A 72 -5.04 -2.50 -20.47
C GLU A 72 -6.01 -1.35 -20.36
N ILE A 73 -5.73 -0.32 -21.12
CA ILE A 73 -6.55 0.89 -21.14
C ILE A 73 -7.18 1.10 -22.51
N SER A 74 -8.42 0.64 -22.59
CA SER A 74 -9.30 0.68 -23.76
C SER A 74 -9.65 2.10 -24.13
N ALA A 75 -9.85 2.91 -23.07
CA ALA A 75 -10.33 4.24 -23.25
C ALA A 75 -9.93 5.11 -22.06
N TRP A 76 -9.66 6.38 -22.32
CA TRP A 76 -9.22 7.28 -21.27
C TRP A 76 -10.37 7.50 -20.31
N ASN A 77 -11.58 7.42 -20.86
CA ASN A 77 -12.80 7.59 -20.11
C ASN A 77 -13.33 6.29 -19.46
N LYS A 78 -12.54 5.20 -19.44
CA LYS A 78 -12.99 3.93 -18.80
C LYS A 78 -11.89 3.39 -17.86
N ALA A 79 -12.28 2.59 -16.88
CA ALA A 79 -11.31 2.10 -15.92
C ALA A 79 -10.32 1.20 -16.61
N PRO A 80 -9.04 1.36 -16.29
CA PRO A 80 -8.10 0.37 -16.81
C PRO A 80 -8.43 -1.03 -16.26
N ILE A 81 -8.02 -2.05 -16.99
CA ILE A 81 -8.27 -3.41 -16.56
C ILE A 81 -6.87 -4.00 -16.24
N LEU A 82 -6.77 -4.49 -15.01
CA LEU A 82 -5.53 -5.10 -14.53
C LEU A 82 -5.69 -6.60 -14.55
N GLN A 83 -4.64 -7.26 -15.01
CA GLN A 83 -4.51 -8.75 -14.88
C GLN A 83 -3.08 -9.15 -14.52
N ASP A 84 -2.91 -10.10 -13.59
CA ASP A 84 -1.60 -10.72 -13.40
C ASP A 84 -1.41 -11.80 -14.50
N CYS A 85 -0.17 -11.96 -14.94
CA CYS A 85 0.13 -12.85 -16.07
C CYS A 85 0.69 -14.16 -15.65
N GLY A 86 0.47 -14.52 -14.39
CA GLY A 86 0.96 -15.82 -13.84
C GLY A 86 2.32 -15.60 -13.30
N SER A 87 2.50 -14.46 -12.67
CA SER A 87 3.81 -14.13 -12.09
C SER A 87 4.15 -15.03 -10.91
N LEU A 88 5.43 -15.11 -10.62
CA LEU A 88 5.90 -15.89 -9.46
C LEU A 88 5.46 -15.40 -8.10
N ASN A 89 5.58 -14.07 -7.91
CA ASN A 89 5.36 -13.47 -6.64
C ASN A 89 4.03 -12.79 -6.57
N GLY A 90 3.27 -12.74 -7.67
CA GLY A 90 1.87 -12.38 -7.60
C GLY A 90 1.58 -10.89 -7.69
N THR A 91 0.30 -10.58 -7.92
CA THR A 91 -0.22 -9.20 -7.86
C THR A 91 -1.36 -9.22 -6.84
N GLN A 92 -1.40 -8.21 -5.94
CA GLN A 92 -2.43 -8.25 -4.93
C GLN A 92 -3.20 -6.93 -4.92
N ILE A 93 -4.53 -7.01 -4.77
CA ILE A 93 -5.30 -5.81 -4.54
C ILE A 93 -5.15 -5.47 -3.07
N VAL A 94 -5.00 -4.20 -2.74
CA VAL A 94 -4.77 -3.84 -1.35
C VAL A 94 -6.09 -3.77 -0.53
N LYS A 95 -7.15 -3.29 -1.16
CA LYS A 95 -8.43 -3.03 -0.48
C LYS A 95 -9.62 -3.34 -1.37
N PRO A 96 -10.40 -4.38 -1.05
CA PRO A 96 -10.14 -5.37 0.02
C PRO A 96 -8.87 -6.18 -0.32
N PRO A 97 -8.11 -6.61 0.70
CA PRO A 97 -6.82 -7.26 0.45
C PRO A 97 -7.01 -8.69 -0.16
N ARG A 98 -6.65 -8.88 -1.42
CA ARG A 98 -6.90 -10.15 -2.11
C ARG A 98 -5.82 -10.38 -3.16
N VAL A 99 -5.30 -11.59 -3.25
CA VAL A 99 -4.41 -11.95 -4.36
C VAL A 99 -5.28 -11.83 -5.63
N LEU A 100 -4.72 -11.28 -6.68
CA LEU A 100 -5.49 -11.22 -7.93
C LEU A 100 -5.14 -12.55 -8.74
N PRO A 101 -6.09 -13.49 -8.86
CA PRO A 101 -5.65 -14.74 -9.51
C PRO A 101 -5.30 -14.44 -10.96
N PRO A 102 -4.20 -14.99 -11.45
CA PRO A 102 -3.79 -14.83 -12.85
C PRO A 102 -4.93 -14.99 -13.84
N GLY A 103 -5.01 -14.05 -14.76
CA GLY A 103 -5.98 -14.06 -15.87
C GLY A 103 -7.31 -13.45 -15.48
N VAL A 104 -7.57 -13.20 -14.20
CA VAL A 104 -8.87 -12.59 -13.76
C VAL A 104 -8.73 -11.07 -13.95
N SER A 105 -9.73 -10.46 -14.56
CA SER A 105 -9.67 -9.06 -14.78
C SER A 105 -10.06 -8.30 -13.53
N HIS A 106 -9.30 -7.22 -13.28
CA HIS A 106 -9.63 -6.27 -12.19
C HIS A 106 -9.80 -4.88 -12.69
N ARG A 107 -10.96 -4.26 -12.43
CA ARG A 107 -11.18 -2.86 -12.77
C ARG A 107 -10.44 -1.97 -11.74
N LEU A 108 -9.43 -1.27 -12.21
CA LEU A 108 -8.59 -0.40 -11.45
C LEU A 108 -9.25 0.94 -11.22
N ARG A 109 -9.38 1.33 -9.96
CA ARG A 109 -10.09 2.60 -9.62
C ARG A 109 -9.07 3.68 -9.37
N ASP A 110 -9.40 4.91 -9.75
CA ASP A 110 -8.54 6.04 -9.44
C ASP A 110 -8.09 6.01 -7.94
N GLN A 111 -6.79 6.19 -7.69
CA GLN A 111 -6.19 6.25 -6.33
C GLN A 111 -6.02 4.87 -5.65
N GLU A 112 -6.40 3.79 -6.35
CA GLU A 112 -6.30 2.43 -5.81
C GLU A 112 -4.84 1.99 -5.67
N LEU A 113 -4.55 1.27 -4.59
CA LEU A 113 -3.24 0.68 -4.36
C LEU A 113 -3.25 -0.77 -4.81
N ILE A 114 -2.10 -1.13 -5.37
CA ILE A 114 -1.86 -2.51 -5.85
C ILE A 114 -0.48 -2.95 -5.39
N LEU A 115 -0.30 -4.22 -5.03
CA LEU A 115 1.01 -4.74 -4.78
C LEU A 115 1.48 -5.59 -5.95
N PHE A 116 2.65 -5.30 -6.51
CA PHE A 116 3.27 -6.24 -7.46
C PHE A 116 4.41 -6.85 -6.61
N ALA A 117 4.39 -8.17 -6.43
CA ALA A 117 5.21 -8.88 -5.42
C ALA A 117 5.03 -8.07 -4.11
N ASP A 118 6.07 -7.51 -3.54
CA ASP A 118 5.95 -6.71 -2.28
C ASP A 118 6.06 -5.22 -2.51
N PHE A 119 5.95 -4.80 -3.74
CA PHE A 119 6.08 -3.37 -3.98
C PHE A 119 4.72 -2.71 -4.14
N PRO A 120 4.36 -1.75 -3.25
CA PRO A 120 3.08 -1.04 -3.41
C PRO A 120 3.17 -0.03 -4.52
N CYS A 121 2.10 0.10 -5.28
CA CYS A 121 2.02 1.05 -6.42
C CYS A 121 0.66 1.70 -6.30
N GLN A 122 0.49 2.94 -6.80
CA GLN A 122 -0.82 3.55 -6.80
C GLN A 122 -1.15 4.03 -8.21
N TYR A 123 -2.40 3.78 -8.62
CA TYR A 123 -2.84 4.21 -9.97
C TYR A 123 -3.57 5.56 -9.84
N HIS A 124 -3.32 6.46 -10.80
CA HIS A 124 -4.03 7.73 -10.89
C HIS A 124 -4.35 7.97 -12.33
N ARG A 125 -5.56 8.33 -12.67
CA ARG A 125 -5.85 8.80 -14.04
C ARG A 125 -5.32 10.21 -14.18
N LEU A 126 -4.74 10.51 -15.32
CA LEU A 126 -4.08 11.82 -15.57
C LEU A 126 -4.81 12.63 -16.60
N ASP A 127 -4.65 13.94 -16.48
CA ASP A 127 -5.07 14.86 -17.52
C ASP A 127 -3.93 15.00 -18.56
N VAL A 128 -4.27 15.60 -19.70
CA VAL A 128 -3.24 16.01 -20.68
C VAL A 128 -3.29 17.52 -20.86
N MET B 21 14.84 12.82 21.14
CA MET B 21 13.88 11.76 20.64
C MET B 21 13.61 11.78 19.14
N GLU B 22 14.48 11.18 18.35
CA GLU B 22 14.29 11.11 16.89
C GLU B 22 13.34 9.99 16.47
N PRO B 23 12.62 10.19 15.35
CA PRO B 23 11.78 9.06 14.88
C PRO B 23 12.58 7.80 14.54
N ILE B 24 11.99 6.65 14.78
CA ILE B 24 12.62 5.35 14.60
C ILE B 24 11.89 4.60 13.46
N GLY B 25 10.75 5.14 13.07
CA GLY B 25 9.97 4.56 11.99
C GLY B 25 9.00 5.61 11.52
N GLN B 26 8.23 5.25 10.51
CA GLN B 26 7.09 6.11 10.16
C GLN B 26 5.99 5.37 9.43
N LEU B 27 4.76 5.89 9.53
CA LEU B 27 3.65 5.31 8.80
C LEU B 27 3.26 6.27 7.69
N ARG B 28 3.17 5.74 6.49
CA ARG B 28 2.72 6.56 5.35
C ARG B 28 1.27 6.23 5.12
N LEU B 29 0.39 7.22 5.29
CA LEU B 29 -1.03 7.07 5.00
C LEU B 29 -1.21 7.51 3.54
N PHE B 30 -1.55 6.56 2.67
CA PHE B 30 -1.76 6.91 1.23
C PHE B 30 -2.93 7.83 0.94
N SER B 31 -2.79 8.64 -0.10
CA SER B 31 -3.90 9.43 -0.61
C SER B 31 -5.15 8.61 -0.99
N GLY B 32 -6.29 9.26 -0.97
CA GLY B 32 -7.50 8.59 -1.43
C GLY B 32 -8.57 9.64 -1.48
N THR B 33 -9.81 9.16 -1.51
CA THR B 33 -10.96 10.09 -1.64
C THR B 33 -11.05 10.94 -0.35
N HIS B 34 -10.46 10.42 0.75
CA HIS B 34 -10.44 11.08 2.04
C HIS B 34 -9.48 12.25 2.08
N GLY B 35 -8.47 12.27 1.22
CA GLY B 35 -7.48 13.34 1.29
C GLY B 35 -6.10 12.94 0.78
N PRO B 36 -5.13 13.84 0.89
CA PRO B 36 -3.81 13.60 0.34
C PRO B 36 -3.03 12.62 1.26
N GLU B 37 -1.91 12.16 0.68
CA GLU B 37 -0.96 11.35 1.35
C GLU B 37 -0.40 12.16 2.50
N ARG B 38 0.00 11.48 3.58
CA ARG B 38 0.63 12.19 4.72
C ARG B 38 1.39 11.16 5.52
N ASP B 39 2.48 11.61 6.16
CA ASP B 39 3.34 10.74 6.98
C ASP B 39 3.17 10.98 8.48
N PHE B 40 3.36 9.93 9.27
CA PHE B 40 3.33 10.04 10.70
C PHE B 40 4.59 9.42 11.25
N PRO B 41 5.40 10.21 11.93
CA PRO B 41 6.59 9.62 12.55
C PRO B 41 6.27 8.68 13.75
N LEU B 42 7.08 7.66 13.95
CA LEU B 42 6.86 6.72 15.04
C LEU B 42 8.05 6.74 15.98
N TYR B 43 7.78 6.63 17.29
CA TYR B 43 8.87 6.79 18.27
C TYR B 43 9.00 5.57 19.18
N LEU B 44 10.11 5.49 19.93
CA LEU B 44 10.18 4.47 21.00
C LEU B 44 8.95 4.53 21.90
N GLY B 45 8.41 3.37 22.29
CA GLY B 45 7.27 3.34 23.24
C GLY B 45 5.98 3.06 22.52
N LYS B 46 4.87 3.50 23.08
CA LYS B 46 3.56 3.23 22.51
C LYS B 46 3.17 4.35 21.53
N ASN B 47 2.82 3.99 20.32
CA ASN B 47 2.31 4.97 19.32
C ASN B 47 0.87 4.59 19.00
N VAL B 48 -0.07 5.34 19.57
CA VAL B 48 -1.51 5.02 19.48
C VAL B 48 -2.05 5.57 18.15
N VAL B 49 -2.76 4.69 17.40
CA VAL B 49 -3.43 5.05 16.12
C VAL B 49 -4.89 5.25 16.50
N GLY B 50 -5.52 6.35 16.08
CA GLY B 50 -6.93 6.50 16.44
C GLY B 50 -7.47 7.83 15.95
N ARG B 51 -8.78 8.00 16.14
CA ARG B 51 -9.50 9.17 15.72
C ARG B 51 -9.34 10.23 16.80
N SER B 52 -9.19 9.82 18.06
CA SER B 52 -9.08 10.84 19.16
C SER B 52 -7.89 11.78 18.81
N PRO B 53 -8.04 13.11 19.00
CA PRO B 53 -7.02 14.09 18.48
C PRO B 53 -5.64 13.99 19.11
N ASP B 54 -5.58 13.48 20.35
CA ASP B 54 -4.28 13.29 21.02
C ASP B 54 -3.58 11.95 20.77
N CYS B 55 -4.10 11.09 19.91
CA CYS B 55 -3.35 9.92 19.43
C CYS B 55 -1.99 10.32 18.80
N SER B 56 -0.99 9.45 18.94
CA SER B 56 0.31 9.66 18.31
C SER B 56 0.20 9.78 16.79
N VAL B 57 -0.64 8.90 16.25
CA VAL B 57 -1.00 8.82 14.84
C VAL B 57 -2.50 9.15 14.80
N ALA B 58 -2.85 10.44 14.63
CA ALA B 58 -4.26 10.83 14.73
C ALA B 58 -4.86 10.80 13.33
N LEU B 59 -5.77 9.87 13.04
CA LEU B 59 -6.39 9.71 11.69
C LEU B 59 -7.78 10.25 11.85
N PRO B 60 -8.06 11.40 11.21
CA PRO B 60 -9.30 12.14 11.47
C PRO B 60 -10.48 11.67 10.63
N PHE B 61 -10.81 10.40 10.66
CA PHE B 61 -11.87 9.83 9.87
C PHE B 61 -12.93 9.16 10.76
N PRO B 62 -14.20 9.29 10.39
CA PRO B 62 -15.21 8.75 11.31
C PRO B 62 -15.16 7.21 11.48
N SER B 63 -14.55 6.48 10.53
CA SER B 63 -14.60 5.03 10.58
C SER B 63 -13.49 4.48 11.44
N ILE B 64 -12.60 5.38 11.93
CA ILE B 64 -11.47 4.97 12.79
C ILE B 64 -11.92 5.13 14.19
N SER B 65 -11.56 4.18 15.08
CA SER B 65 -12.07 4.25 16.46
C SER B 65 -11.18 5.22 17.20
N LYS B 66 -11.67 5.75 18.33
CA LYS B 66 -10.93 6.79 19.12
C LYS B 66 -9.56 6.32 19.50
N GLN B 67 -9.52 5.08 20.02
CA GLN B 67 -8.24 4.39 20.23
C GLN B 67 -8.31 3.09 19.41
N HIS B 68 -7.72 3.14 18.23
CA HIS B 68 -7.91 2.11 17.22
C HIS B 68 -6.92 0.99 17.33
N ALA B 69 -5.63 1.35 17.37
CA ALA B 69 -4.56 0.36 17.33
C ALA B 69 -3.36 0.97 18.03
N VAL B 70 -2.37 0.15 18.39
CA VAL B 70 -1.18 0.73 19.00
C VAL B 70 0.01 0.07 18.29
N ILE B 71 1.05 0.86 18.03
CA ILE B 71 2.30 0.31 17.46
C ILE B 71 3.34 0.55 18.52
N GLU B 72 3.81 -0.52 19.19
CA GLU B 72 4.79 -0.41 20.31
C GLU B 72 6.17 -0.69 19.79
N ILE B 73 7.11 0.23 19.98
CA ILE B 73 8.50 -0.01 19.58
C ILE B 73 9.46 0.03 20.75
N SER B 74 10.12 -1.12 21.03
CA SER B 74 11.03 -1.25 22.16
C SER B 74 12.49 -0.82 21.90
N ALA B 75 13.01 -1.07 20.70
CA ALA B 75 14.39 -0.60 20.39
C ALA B 75 14.50 -0.16 18.94
N TRP B 76 15.49 0.69 18.64
CA TRP B 76 15.68 1.20 17.27
C TRP B 76 15.72 0.06 16.25
N ASN B 77 16.24 -1.06 16.72
CA ASN B 77 16.63 -2.19 15.90
C ASN B 77 15.73 -3.43 16.09
N LYS B 78 14.58 -3.26 16.71
CA LYS B 78 13.59 -4.35 16.90
C LYS B 78 12.30 -3.95 16.22
N ALA B 79 11.71 -4.88 15.46
CA ALA B 79 10.45 -4.62 14.75
C ALA B 79 9.37 -4.25 15.75
N PRO B 80 8.54 -3.24 15.40
CA PRO B 80 7.38 -2.75 16.14
C PRO B 80 6.40 -3.88 16.27
N ILE B 81 5.58 -3.80 17.32
CA ILE B 81 4.50 -4.73 17.57
C ILE B 81 3.21 -3.99 17.41
N LEU B 82 2.34 -4.48 16.51
CA LEU B 82 1.05 -3.83 16.24
C LEU B 82 -0.06 -4.64 16.90
N GLN B 83 -1.02 -3.96 17.54
CA GLN B 83 -2.20 -4.63 18.03
C GLN B 83 -3.36 -3.76 17.77
N ASP B 84 -4.49 -4.40 17.51
CA ASP B 84 -5.76 -3.69 17.45
C ASP B 84 -6.31 -3.53 18.90
N CYS B 85 -6.94 -2.39 19.18
CA CYS B 85 -7.45 -2.10 20.52
C CYS B 85 -8.96 -2.32 20.70
N GLY B 86 -9.55 -3.20 19.89
CA GLY B 86 -10.97 -3.53 20.05
C GLY B 86 -11.73 -2.57 19.14
N SER B 87 -11.12 -2.19 18.02
CA SER B 87 -11.69 -1.16 17.10
C SER B 87 -13.01 -1.61 16.51
N LEU B 88 -13.86 -0.67 16.09
CA LEU B 88 -15.14 -1.06 15.52
C LEU B 88 -14.97 -1.71 14.15
N ASN B 89 -14.12 -1.09 13.31
CA ASN B 89 -13.98 -1.53 11.93
C ASN B 89 -12.75 -2.36 11.65
N GLY B 90 -11.89 -2.51 12.65
CA GLY B 90 -10.85 -3.50 12.54
C GLY B 90 -9.55 -2.92 12.01
N THR B 91 -8.54 -3.77 12.10
CA THR B 91 -7.15 -3.56 11.60
C THR B 91 -6.86 -4.83 10.80
N GLN B 92 -6.31 -4.68 9.60
CA GLN B 92 -5.98 -5.85 8.79
C GLN B 92 -4.51 -5.76 8.33
N ILE B 93 -3.82 -6.88 8.33
CA ILE B 93 -2.53 -7.00 7.67
C ILE B 93 -2.84 -7.16 6.17
N VAL B 94 -2.13 -6.43 5.30
CA VAL B 94 -2.50 -6.56 3.86
C VAL B 94 -1.98 -7.82 3.20
N LYS B 95 -0.76 -8.24 3.55
CA LYS B 95 -0.11 -9.38 2.85
C LYS B 95 0.72 -10.18 3.85
N PRO B 96 0.37 -11.47 4.11
CA PRO B 96 -0.86 -12.13 3.70
C PRO B 96 -2.10 -11.50 4.33
N PRO B 97 -3.21 -11.43 3.58
CA PRO B 97 -4.39 -10.72 4.12
C PRO B 97 -4.88 -11.45 5.36
N ARG B 98 -5.07 -10.67 6.43
CA ARG B 98 -5.52 -11.19 7.74
C ARG B 98 -6.10 -10.07 8.63
N VAL B 99 -7.27 -10.33 9.19
CA VAL B 99 -7.81 -9.47 10.20
C VAL B 99 -7.04 -9.75 11.45
N LEU B 100 -6.71 -8.67 12.14
CA LEU B 100 -5.98 -8.81 13.38
C LEU B 100 -6.97 -8.61 14.53
N PRO B 101 -7.43 -9.71 15.16
CA PRO B 101 -8.41 -9.67 16.28
C PRO B 101 -7.83 -8.83 17.43
N PRO B 102 -8.67 -8.08 18.19
CA PRO B 102 -8.15 -7.34 19.34
C PRO B 102 -7.28 -8.26 20.23
N GLY B 103 -6.17 -7.75 20.74
CA GLY B 103 -5.31 -8.61 21.55
C GLY B 103 -4.06 -9.15 20.86
N VAL B 104 -4.23 -9.81 19.71
CA VAL B 104 -3.17 -10.51 19.02
C VAL B 104 -2.06 -9.53 18.60
N SER B 105 -0.84 -9.83 19.01
CA SER B 105 0.32 -9.05 18.57
C SER B 105 0.76 -9.44 17.16
N HIS B 106 1.08 -8.43 16.34
CA HIS B 106 1.67 -8.65 14.99
C HIS B 106 3.02 -7.99 14.89
N ARG B 107 4.03 -8.73 14.45
CA ARG B 107 5.38 -8.18 14.21
C ARG B 107 5.35 -7.46 12.89
N LEU B 108 5.48 -6.15 12.96
CA LEU B 108 5.28 -5.29 11.79
C LEU B 108 6.59 -5.37 10.96
N ARG B 109 6.44 -5.78 9.70
CA ARG B 109 7.57 -5.97 8.77
C ARG B 109 7.84 -4.66 8.05
N ASP B 110 9.09 -4.27 8.01
CA ASP B 110 9.50 -3.12 7.24
C ASP B 110 8.91 -3.17 5.81
N GLN B 111 8.30 -2.07 5.42
CA GLN B 111 7.71 -1.83 4.11
C GLN B 111 6.32 -2.40 3.92
N GLU B 112 5.80 -3.15 4.89
CA GLU B 112 4.52 -3.78 4.67
C GLU B 112 3.38 -2.78 4.85
N LEU B 113 2.21 -3.13 4.28
CA LEU B 113 1.00 -2.34 4.39
C LEU B 113 0.00 -2.88 5.39
N ILE B 114 -0.71 -1.94 6.02
CA ILE B 114 -1.70 -2.21 7.04
C ILE B 114 -2.95 -1.46 6.67
N LEU B 115 -4.11 -2.05 6.98
CA LEU B 115 -5.34 -1.33 6.81
C LEU B 115 -5.89 -1.00 8.21
N PHE B 116 -6.11 0.28 8.49
CA PHE B 116 -6.95 0.62 9.64
C PHE B 116 -8.33 0.96 9.12
N ALA B 117 -9.33 0.14 9.50
CA ALA B 117 -10.62 0.21 8.81
C ALA B 117 -10.34 0.11 7.31
N ASP B 118 -10.79 1.03 6.47
CA ASP B 118 -10.54 0.86 5.05
C ASP B 118 -9.38 1.76 4.56
N PHE B 119 -8.55 2.26 5.46
CA PHE B 119 -7.42 3.14 5.05
C PHE B 119 -6.07 2.45 5.05
N PRO B 120 -5.44 2.28 3.87
CA PRO B 120 -4.17 1.60 3.82
C PRO B 120 -3.01 2.53 4.19
N CYS B 121 -2.05 2.02 4.99
CA CYS B 121 -0.85 2.72 5.48
C CYS B 121 0.36 1.81 5.18
N GLN B 122 1.54 2.39 5.05
CA GLN B 122 2.71 1.58 4.86
C GLN B 122 3.71 1.87 5.99
N TYR B 123 4.17 0.82 6.67
CA TYR B 123 5.25 1.02 7.69
C TYR B 123 6.67 1.06 7.08
N HIS B 124 7.44 2.06 7.50
CA HIS B 124 8.92 2.12 7.21
C HIS B 124 9.76 2.24 8.43
N ARG B 125 10.79 1.41 8.55
CA ARG B 125 11.73 1.59 9.63
C ARG B 125 12.71 2.69 9.12
N LEU B 126 13.08 3.66 9.97
CA LEU B 126 13.86 4.82 9.54
C LEU B 126 15.34 4.62 9.83
N ASP B 127 16.22 5.12 8.96
CA ASP B 127 17.70 4.97 9.13
C ASP B 127 18.25 5.18 10.57
#